data_8EK5
#
_entry.id   8EK5
#
_cell.length_a   47.087
_cell.length_b   174.562
_cell.length_c   47.193
_cell.angle_alpha   90.00
_cell.angle_beta   118.75
_cell.angle_gamma   90.00
#
_symmetry.space_group_name_H-M   'P 1 21 1'
#
loop_
_entity.id
_entity.type
_entity.pdbx_description
1 polymer 'MHC class I antigen'
2 polymer Beta-2-microglobulin
3 polymer 'Paired mesoderm homeobox protein 2B peptide'
4 polymer '10LH single chain fragment variable (scFv)'
5 non-polymer GLYCEROL
6 non-polymer 'NITRATE ION'
7 water water
#
loop_
_entity_poly.entity_id
_entity_poly.type
_entity_poly.pdbx_seq_one_letter_code
_entity_poly.pdbx_strand_id
1 'polypeptide(L)'
;MGSHSMRYFSTSVSRPGRGEPRFIAVGYVDDTQFVRFDSDAASQRMEPRAPWIEQEGPEYWDEETGKVKAHSQTDRENLR
IALRYYNQSEAGSHTLQMMFGCDVGSDGRFLRGYHQYAYDGKDYIALKEDLRSWTAADMAAQITKRKWEAAHVAEQQRAY
LEGTCVDGLRRYLENGKETLQRTDPPKTHMTHHPISDHEATLRCWALGFYPAEITLTWQRDGEDQTQDTELVETRPAGDG
TFQKWAAVVVPSGEEQRYTCHVQHEGLPKPLTLRWEP
;
A
2 'polypeptide(L)'
;MIQRTPKIQVYSRHPAENGKSNFLNCYVSGFHPSDIEVDLLKNGERIEKVEHSDLSFSKDWSFYLLYYTEFTPTEKDEYA
CRVNHVTLSQPKIVKWDRDM
;
B
3 'polypeptide(L)' QYNPIRTTF C
4 'polypeptide(L)'
;HHHHHHMQIFVKTLTGKTITLEVEPSDTIENVKAKIQDKEGIPPDQQRLIFAGKQLEDGRTLSDYNIQKESTLHLVLRLR
GGMALPVTALLLPLALLLHAARPSRNGGDGQSVLTQPPSVSVSPGQTASITCSGDSLGNKYACWYQQKPGQSPVLVIYQD
SKRPSGIPERFSGSNSGNTATLTISGTQAMDEADYYCQAWDSSRGYTVVFGTGTKVTVSSQTGGSGGGGSGGGGSGGGGS
EVQLLESGGGLVQPGGSLRLSCAASGFTFDSYAMSWVRQAPGKGLEWVSAISGYGGSTYYADSVKGRFTISRDNSKNTLY
LQMNSLRAEDTAVYYCAKYTYFLDAFDIWGQGTMVTVSSPSFVKKVDPSYLMLPGESARLHCKLKGSPVIQVTWFKNNKE
LSESNTVRMYFVNSEAILDITDVKVEDSGSYSCEAVNDVGSDSCSTEIVGLNDIFEAQKIEWHE
;
E
#
loop_
_chem_comp.id
_chem_comp.type
_chem_comp.name
_chem_comp.formula
GOL non-polymer GLYCEROL 'C3 H8 O3'
NO3 non-polymer 'NITRATE ION' 'N O3 -1'
#
# COMPACT_ATOMS: atom_id res chain seq x y z
N GLY A 2 8.15 -3.82 22.93
CA GLY A 2 7.03 -2.89 22.63
C GLY A 2 7.00 -2.32 21.20
N SER A 3 7.68 -2.97 20.26
CA SER A 3 7.81 -2.51 18.87
C SER A 3 6.70 -3.01 17.92
N HIS A 4 6.47 -2.24 16.85
CA HIS A 4 5.41 -2.48 15.90
C HIS A 4 5.82 -2.19 14.46
N SER A 5 5.10 -2.84 13.52
CA SER A 5 5.34 -2.71 12.11
C SER A 5 4.05 -2.46 11.37
N MET A 6 4.14 -1.68 10.30
CA MET A 6 3.10 -1.65 9.29
C MET A 6 3.72 -2.13 7.99
N ARG A 7 2.99 -2.96 7.24
CA ARG A 7 3.44 -3.58 5.96
C ARG A 7 2.28 -3.55 4.95
N TYR A 8 2.56 -3.11 3.72
CA TYR A 8 1.65 -3.33 2.56
C TYR A 8 2.30 -4.35 1.62
N PHE A 9 1.49 -5.29 1.12
CA PHE A 9 1.88 -6.36 0.23
C PHE A 9 1.00 -6.26 -1.02
N SER A 10 1.64 -6.02 -2.17
CA SER A 10 0.93 -5.85 -3.42
C SER A 10 1.40 -6.88 -4.43
N THR A 11 0.43 -7.40 -5.18
CA THR A 11 0.66 -8.39 -6.22
C THR A 11 -0.09 -8.00 -7.49
N SER A 12 0.66 -7.91 -8.59
CA SER A 12 0.11 -7.69 -9.94
C SER A 12 0.42 -8.91 -10.79
N VAL A 13 -0.62 -9.47 -11.39
CA VAL A 13 -0.49 -10.66 -12.22
C VAL A 13 -1.10 -10.34 -13.57
N SER A 14 -0.26 -10.32 -14.61
CA SER A 14 -0.70 -10.00 -15.95
C SER A 14 -1.54 -11.15 -16.51
N ARG A 15 -2.46 -10.80 -17.41
CA ARG A 15 -3.23 -11.75 -18.26
C ARG A 15 -3.52 -11.03 -19.58
N PRO A 16 -2.50 -10.75 -20.41
CA PRO A 16 -2.68 -9.98 -21.64
C PRO A 16 -3.76 -10.56 -22.56
N GLY A 17 -4.68 -9.71 -23.05
CA GLY A 17 -5.79 -10.13 -23.89
C GLY A 17 -7.03 -10.61 -23.13
N ARG A 18 -6.87 -10.92 -21.84
CA ARG A 18 -7.96 -11.29 -20.89
C ARG A 18 -8.11 -10.15 -19.89
N GLY A 19 -7.98 -8.91 -20.35
CA GLY A 19 -8.15 -7.73 -19.54
C GLY A 19 -6.87 -7.22 -18.88
N GLU A 20 -7.01 -6.13 -18.12
CA GLU A 20 -5.92 -5.54 -17.38
C GLU A 20 -5.42 -6.52 -16.33
N PRO A 21 -4.14 -6.44 -15.93
CA PRO A 21 -3.63 -7.31 -14.86
C PRO A 21 -4.49 -7.25 -13.58
N ARG A 22 -4.61 -8.38 -12.89
CA ARG A 22 -5.17 -8.47 -11.51
C ARG A 22 -4.19 -7.79 -10.54
N PHE A 23 -4.63 -6.76 -9.81
CA PHE A 23 -3.85 -6.12 -8.77
C PHE A 23 -4.56 -6.29 -7.42
N ILE A 24 -3.83 -6.85 -6.45
CA ILE A 24 -4.32 -7.05 -5.10
C ILE A 24 -3.33 -6.42 -4.15
N ALA A 25 -3.83 -5.64 -3.19
CA ALA A 25 -2.97 -5.12 -2.13
C ALA A 25 -3.64 -5.40 -0.80
N VAL A 26 -2.82 -5.70 0.22
CA VAL A 26 -3.28 -5.85 1.59
C VAL A 26 -2.33 -5.13 2.49
N GLY A 27 -2.84 -4.71 3.65
CA GLY A 27 -2.08 -3.95 4.63
C GLY A 27 -2.25 -4.63 5.98
N TYR A 28 -1.16 -4.69 6.73
CA TYR A 28 -1.03 -5.31 8.07
C TYR A 28 -0.44 -4.28 9.04
N VAL A 29 -0.95 -4.27 10.29
CA VAL A 29 -0.21 -3.78 11.43
C VAL A 29 0.16 -5.03 12.25
N ASP A 30 1.47 -5.23 12.47
CA ASP A 30 1.98 -6.47 13.08
C ASP A 30 1.36 -7.67 12.34
N ASP A 31 0.67 -8.56 13.08
CA ASP A 31 0.06 -9.76 12.50
C ASP A 31 -1.46 -9.64 12.22
N THR A 32 -1.96 -8.40 12.14
CA THR A 32 -3.38 -8.13 11.94
C THR A 32 -3.59 -7.42 10.61
N GLN A 33 -4.33 -8.08 9.70
CA GLN A 33 -4.73 -7.49 8.42
C GLN A 33 -5.76 -6.40 8.69
N PHE A 34 -5.65 -5.24 8.03
CA PHE A 34 -6.62 -4.18 8.23
C PHE A 34 -7.30 -3.60 7.00
N VAL A 35 -6.64 -3.72 5.83
CA VAL A 35 -7.23 -3.31 4.57
C VAL A 35 -6.92 -4.29 3.44
N ARG A 36 -7.76 -4.24 2.40
CA ARG A 36 -7.48 -4.90 1.10
C ARG A 36 -7.92 -3.97 -0.04
N PHE A 37 -7.34 -4.20 -1.21
CA PHE A 37 -7.81 -3.69 -2.47
C PHE A 37 -7.68 -4.86 -3.45
N ASP A 38 -8.70 -5.03 -4.29
CA ASP A 38 -8.70 -6.03 -5.35
C ASP A 38 -9.36 -5.44 -6.60
N SER A 39 -8.56 -5.33 -7.67
CA SER A 39 -8.96 -4.71 -8.92
C SER A 39 -10.08 -5.44 -9.61
N ASP A 40 -10.33 -6.69 -9.21
CA ASP A 40 -11.43 -7.48 -9.78
C ASP A 40 -12.71 -7.38 -8.96
N ALA A 41 -12.65 -6.77 -7.78
CA ALA A 41 -13.84 -6.57 -6.96
C ALA A 41 -14.76 -5.51 -7.57
N ALA A 42 -16.06 -5.58 -7.23
CA ALA A 42 -17.08 -4.68 -7.77
C ALA A 42 -16.83 -3.23 -7.34
N SER A 43 -16.56 -3.02 -6.05
CA SER A 43 -16.34 -1.71 -5.46
C SER A 43 -15.29 -0.89 -6.19
N GLN A 44 -14.16 -1.53 -6.54
CA GLN A 44 -12.95 -0.85 -7.00
C GLN A 44 -12.42 0.17 -5.95
N ARG A 45 -12.53 -0.16 -4.66
CA ARG A 45 -12.14 0.74 -3.54
C ARG A 45 -11.27 -0.02 -2.53
N MET A 46 -10.48 0.71 -1.76
CA MET A 46 -9.86 0.16 -0.56
C MET A 46 -10.99 -0.24 0.39
N GLU A 47 -10.88 -1.40 1.02
CA GLU A 47 -11.89 -1.89 1.95
C GLU A 47 -11.35 -2.31 3.32
N PRO A 48 -12.14 -2.11 4.40
CA PRO A 48 -11.75 -2.51 5.76
C PRO A 48 -11.70 -4.03 5.96
N ARG A 49 -10.73 -4.49 6.75
CA ARG A 49 -10.58 -5.92 7.11
C ARG A 49 -10.22 -6.07 8.61
N ALA A 50 -10.42 -5.01 9.40
CA ALA A 50 -10.28 -5.04 10.85
C ALA A 50 -11.30 -4.08 11.46
N PRO A 51 -11.93 -4.43 12.60
CA PRO A 51 -12.96 -3.58 13.20
C PRO A 51 -12.52 -2.13 13.46
N TRP A 52 -11.29 -1.94 13.96
CA TRP A 52 -10.81 -0.61 14.35
C TRP A 52 -10.56 0.38 13.20
N ILE A 53 -10.40 -0.10 11.96
CA ILE A 53 -10.23 0.82 10.82
C ILE A 53 -11.59 1.39 10.32
N GLU A 54 -12.69 0.73 10.74
CA GLU A 54 -14.03 1.17 10.38
C GLU A 54 -14.39 2.56 10.92
N GLN A 55 -13.64 3.05 11.90
CA GLN A 55 -13.78 4.40 12.43
C GLN A 55 -13.49 5.47 11.36
N GLU A 56 -12.58 5.16 10.45
CA GLU A 56 -12.10 6.12 9.45
C GLU A 56 -13.25 6.63 8.58
N GLY A 57 -13.25 7.96 8.35
CA GLY A 57 -14.31 8.64 7.62
C GLY A 57 -14.16 8.47 6.12
N PRO A 58 -15.11 9.02 5.31
CA PRO A 58 -15.09 8.85 3.86
C PRO A 58 -13.84 9.44 3.18
N GLU A 59 -13.31 10.54 3.71
CA GLU A 59 -12.06 11.13 3.20
C GLU A 59 -10.93 10.08 3.14
N TYR A 60 -10.81 9.28 4.20
CA TYR A 60 -9.82 8.19 4.32
C TYR A 60 -10.02 7.18 3.19
N TRP A 61 -11.23 6.62 3.08
CA TRP A 61 -11.49 5.58 2.10
C TRP A 61 -11.26 6.07 0.67
N ASP A 62 -11.73 7.28 0.36
CA ASP A 62 -11.53 7.91 -0.96
C ASP A 62 -10.07 8.09 -1.30
N GLU A 63 -9.33 8.70 -0.37
CA GLU A 63 -7.92 9.00 -0.59
C GLU A 63 -7.06 7.74 -0.63
N GLU A 64 -7.35 6.76 0.23
CA GLU A 64 -6.57 5.51 0.20
C GLU A 64 -6.83 4.75 -1.12
N THR A 65 -8.08 4.77 -1.58
CA THR A 65 -8.49 4.19 -2.86
C THR A 65 -7.70 4.82 -4.02
N GLY A 66 -7.66 6.16 -4.06
CA GLY A 66 -6.88 6.89 -5.04
C GLY A 66 -5.39 6.52 -5.07
N LYS A 67 -4.81 6.40 -3.87
CA LYS A 67 -3.39 6.11 -3.74
C LYS A 67 -3.09 4.70 -4.23
N VAL A 68 -3.90 3.73 -3.80
CA VAL A 68 -3.68 2.33 -4.19
C VAL A 68 -3.87 2.13 -5.71
N LYS A 69 -4.88 2.80 -6.29
CA LYS A 69 -5.03 2.81 -7.75
C LYS A 69 -3.88 3.49 -8.48
N ALA A 70 -3.32 4.56 -7.88
CA ALA A 70 -2.16 5.23 -8.43
C ALA A 70 -0.99 4.25 -8.55
N HIS A 71 -0.82 3.41 -7.52
CA HIS A 71 0.18 2.35 -7.50
C HIS A 71 -0.10 1.24 -8.53
N SER A 72 -1.36 0.81 -8.63
CA SER A 72 -1.73 -0.22 -9.59
C SER A 72 -1.48 0.20 -11.05
N GLN A 73 -1.71 1.49 -11.37
CA GLN A 73 -1.45 2.00 -12.72
C GLN A 73 0.08 1.99 -13.01
N THR A 74 0.87 2.43 -12.03
CA THR A 74 2.32 2.43 -12.16
C THR A 74 2.84 1.04 -12.40
N ASP A 75 2.37 0.09 -11.61
CA ASP A 75 2.89 -1.27 -11.68
C ASP A 75 2.42 -2.02 -12.93
N ARG A 76 1.28 -1.61 -13.51
CA ARG A 76 0.84 -2.18 -14.82
C ARG A 76 1.90 -1.79 -15.86
N GLU A 77 2.33 -0.52 -15.85
CA GLU A 77 3.37 -0.02 -16.71
C GLU A 77 4.71 -0.73 -16.43
N ASN A 78 5.01 -0.97 -15.15
CA ASN A 78 6.25 -1.71 -14.81
C ASN A 78 6.27 -3.14 -15.34
N LEU A 79 5.10 -3.76 -15.43
CA LEU A 79 4.98 -5.08 -16.06
C LEU A 79 5.37 -5.04 -17.53
N ARG A 80 4.96 -3.97 -18.23
CA ARG A 80 5.31 -3.72 -19.65
C ARG A 80 6.82 -3.56 -19.75
N ILE A 81 7.41 -2.77 -18.85
CA ILE A 81 8.85 -2.48 -18.88
C ILE A 81 9.68 -3.76 -18.69
N ALA A 82 9.26 -4.58 -17.73
CA ALA A 82 9.83 -5.88 -17.47
C ALA A 82 9.82 -6.77 -18.69
N LEU A 83 8.70 -6.78 -19.43
CA LEU A 83 8.61 -7.59 -20.64
C LEU A 83 9.67 -7.18 -21.64
N ARG A 84 9.90 -5.87 -21.76
CA ARG A 84 10.90 -5.31 -22.72
C ARG A 84 12.32 -5.66 -22.23
N TYR A 85 12.64 -5.41 -20.94
CA TYR A 85 14.00 -5.65 -20.40
C TYR A 85 14.37 -7.14 -20.53
N TYR A 86 13.42 -8.04 -20.32
CA TYR A 86 13.69 -9.50 -20.35
C TYR A 86 13.35 -10.09 -21.72
N ASN A 87 12.81 -9.28 -22.64
CA ASN A 87 12.47 -9.75 -23.97
C ASN A 87 11.46 -10.93 -23.89
N GLN A 88 10.31 -10.67 -23.26
CA GLN A 88 9.25 -11.67 -23.10
C GLN A 88 8.01 -11.32 -23.90
N SER A 89 7.27 -12.34 -24.30
CA SER A 89 6.12 -12.15 -25.15
C SER A 89 4.89 -11.83 -24.32
N GLU A 90 3.82 -11.53 -25.05
CA GLU A 90 2.54 -11.18 -24.52
C GLU A 90 1.83 -12.44 -24.02
N ALA A 91 2.30 -13.61 -24.47
CA ALA A 91 1.66 -14.88 -24.15
C ALA A 91 1.72 -15.26 -22.68
N GLY A 92 2.76 -14.84 -21.97
CA GLY A 92 2.95 -15.25 -20.60
C GLY A 92 2.20 -14.42 -19.56
N SER A 93 1.86 -15.09 -18.45
CA SER A 93 1.40 -14.44 -17.25
C SER A 93 2.62 -14.15 -16.40
N HIS A 94 2.83 -12.88 -16.07
CA HIS A 94 3.92 -12.48 -15.18
C HIS A 94 3.44 -11.82 -13.89
N THR A 95 4.30 -11.88 -12.86
CA THR A 95 3.99 -11.48 -11.50
C THR A 95 5.00 -10.42 -11.03
N LEU A 96 4.47 -9.27 -10.62
CA LEU A 96 5.26 -8.22 -9.99
C LEU A 96 4.73 -7.99 -8.59
N GLN A 97 5.55 -8.29 -7.58
CA GLN A 97 5.18 -8.09 -6.20
C GLN A 97 6.00 -6.97 -5.59
N MET A 98 5.37 -6.24 -4.67
CA MET A 98 6.02 -5.15 -3.94
C MET A 98 5.61 -5.14 -2.48
N MET A 99 6.58 -4.87 -1.61
CA MET A 99 6.36 -4.74 -0.19
C MET A 99 7.01 -3.45 0.25
N PHE A 100 6.27 -2.66 1.03
CA PHE A 100 6.80 -1.51 1.74
C PHE A 100 6.17 -1.38 3.12
N GLY A 101 6.85 -0.66 4.00
CA GLY A 101 6.34 -0.38 5.32
C GLY A 101 7.46 0.03 6.24
N CYS A 102 7.14 0.13 7.52
CA CYS A 102 8.02 0.73 8.51
C CYS A 102 7.87 0.03 9.85
N ASP A 103 8.93 0.13 10.65
CA ASP A 103 8.97 -0.40 12.01
C ASP A 103 9.15 0.77 12.97
N VAL A 104 8.37 0.78 14.06
CA VAL A 104 8.53 1.79 15.11
C VAL A 104 8.76 1.14 16.45
N GLY A 105 9.55 1.83 17.28
CA GLY A 105 9.78 1.46 18.66
C GLY A 105 8.61 1.87 19.54
N SER A 106 8.65 1.39 20.79
CA SER A 106 7.56 1.54 21.75
C SER A 106 7.13 2.97 22.01
N ASP A 107 8.07 3.91 21.89
CA ASP A 107 7.79 5.35 21.98
C ASP A 107 7.43 6.04 20.64
N GLY A 108 7.30 5.26 19.56
CA GLY A 108 6.96 5.78 18.24
C GLY A 108 8.07 6.21 17.29
N ARG A 109 9.33 6.09 17.74
N ARG A 109 9.33 6.11 17.75
CA ARG A 109 10.54 6.47 16.96
CA ARG A 109 10.55 6.46 16.97
C ARG A 109 10.75 5.48 15.82
C ARG A 109 10.71 5.48 15.80
N PHE A 110 11.14 5.99 14.64
CA PHE A 110 11.39 5.19 13.46
C PHE A 110 12.57 4.24 13.64
N LEU A 111 12.36 2.95 13.35
CA LEU A 111 13.41 1.95 13.44
C LEU A 111 13.94 1.51 12.07
N ARG A 112 13.04 1.22 11.12
CA ARG A 112 13.42 0.62 9.82
C ARG A 112 12.32 0.86 8.78
N GLY A 113 12.73 1.02 7.52
CA GLY A 113 11.82 1.10 6.41
C GLY A 113 12.16 0.05 5.36
N TYR A 114 11.15 -0.30 4.56
CA TYR A 114 11.27 -1.26 3.43
C TYR A 114 10.57 -0.69 2.20
N HIS A 115 11.11 -1.00 1.03
CA HIS A 115 10.54 -0.63 -0.25
C HIS A 115 11.25 -1.51 -1.27
N GLN A 116 10.59 -2.59 -1.67
CA GLN A 116 11.22 -3.61 -2.49
C GLN A 116 10.24 -4.35 -3.41
N TYR A 117 10.78 -4.91 -4.49
CA TYR A 117 10.07 -5.47 -5.66
C TYR A 117 10.65 -6.85 -5.99
N ALA A 118 9.78 -7.76 -6.42
CA ALA A 118 10.19 -9.01 -7.01
C ALA A 118 9.41 -9.24 -8.30
N TYR A 119 10.06 -9.81 -9.30
CA TYR A 119 9.47 -10.19 -10.61
C TYR A 119 9.52 -11.72 -10.75
N ASP A 120 8.37 -12.36 -11.01
CA ASP A 120 8.30 -13.80 -11.14
C ASP A 120 9.04 -14.55 -10.01
N GLY A 121 8.78 -14.12 -8.77
CA GLY A 121 9.22 -14.79 -7.58
C GLY A 121 10.68 -14.56 -7.18
N LYS A 122 11.38 -13.69 -7.92
CA LYS A 122 12.79 -13.37 -7.66
C LYS A 122 12.95 -11.87 -7.34
N ASP A 123 13.86 -11.57 -6.40
CA ASP A 123 14.22 -10.19 -6.07
C ASP A 123 14.55 -9.45 -7.35
N TYR A 124 14.00 -8.24 -7.49
CA TYR A 124 14.30 -7.34 -8.63
C TYR A 124 15.13 -6.15 -8.13
N ILE A 125 14.53 -5.30 -7.28
CA ILE A 125 15.22 -4.17 -6.69
C ILE A 125 14.71 -3.91 -5.28
N ALA A 126 15.60 -3.46 -4.39
CA ALA A 126 15.27 -3.20 -3.00
C ALA A 126 15.99 -1.98 -2.43
N LEU A 127 15.24 -1.16 -1.70
CA LEU A 127 15.81 -0.05 -0.96
C LEU A 127 16.59 -0.65 0.20
N LYS A 128 17.86 -0.25 0.33
CA LYS A 128 18.74 -0.72 1.40
C LYS A 128 18.40 -0.08 2.74
N GLU A 129 18.93 -0.69 3.79
CA GLU A 129 18.73 -0.30 5.17
C GLU A 129 18.92 1.21 5.41
N ASP A 130 19.93 1.79 4.76
CA ASP A 130 20.23 3.19 4.95
C ASP A 130 19.18 4.14 4.30
N LEU A 131 18.24 3.55 3.54
CA LEU A 131 17.21 4.27 2.83
C LEU A 131 17.79 5.35 1.93
N ARG A 132 19.02 5.15 1.45
CA ARG A 132 19.74 6.10 0.56
C ARG A 132 20.22 5.39 -0.70
N SER A 133 20.07 4.07 -0.81
CA SER A 133 20.67 3.29 -1.89
C SER A 133 19.89 2.00 -2.18
N TRP A 134 20.19 1.39 -3.34
CA TRP A 134 19.42 0.28 -3.92
C TRP A 134 20.29 -0.94 -4.14
N THR A 135 19.71 -2.13 -3.96
CA THR A 135 20.31 -3.39 -4.40
C THR A 135 19.54 -3.91 -5.62
N ALA A 136 20.22 -4.01 -6.77
CA ALA A 136 19.65 -4.60 -7.98
C ALA A 136 20.09 -6.05 -8.11
N ALA A 137 19.16 -6.93 -8.48
CA ALA A 137 19.41 -8.37 -8.51
C ALA A 137 19.93 -8.87 -9.84
N ASP A 138 19.76 -8.07 -10.91
CA ASP A 138 20.21 -8.45 -12.24
C ASP A 138 20.40 -7.25 -13.17
N MET A 139 20.81 -7.54 -14.41
CA MET A 139 21.08 -6.52 -15.42
C MET A 139 19.87 -5.64 -15.69
N ALA A 140 18.68 -6.23 -15.67
CA ALA A 140 17.45 -5.47 -15.89
C ALA A 140 17.32 -4.43 -14.78
N ALA A 141 17.42 -4.89 -13.53
CA ALA A 141 17.21 -4.04 -12.36
C ALA A 141 18.27 -2.97 -12.20
N GLN A 142 19.46 -3.23 -12.77
CA GLN A 142 20.55 -2.27 -12.80
C GLN A 142 20.19 -1.06 -13.64
N ILE A 143 19.43 -1.27 -14.72
CA ILE A 143 18.90 -0.14 -15.50
C ILE A 143 17.97 0.69 -14.60
N THR A 144 17.08 0.01 -13.88
CA THR A 144 16.15 0.70 -12.97
C THR A 144 16.89 1.49 -11.86
N LYS A 145 17.89 0.83 -11.25
CA LYS A 145 18.72 1.41 -10.23
C LYS A 145 19.32 2.72 -10.70
N ARG A 146 19.91 2.72 -11.89
CA ARG A 146 20.59 3.90 -12.49
C ARG A 146 19.61 5.09 -12.63
N LYS A 147 18.44 4.86 -13.23
CA LYS A 147 17.42 5.89 -13.36
C LYS A 147 17.07 6.50 -12.00
N TRP A 148 16.78 5.64 -11.03
CA TRP A 148 16.30 6.05 -9.70
C TRP A 148 17.37 6.78 -8.89
N GLU A 149 18.62 6.38 -9.06
CA GLU A 149 19.76 7.10 -8.49
C GLU A 149 19.83 8.52 -9.04
N ALA A 150 19.78 8.65 -10.36
CA ALA A 150 19.88 9.94 -11.03
C ALA A 150 18.70 10.82 -10.63
N ALA A 151 17.53 10.21 -10.47
CA ALA A 151 16.32 10.94 -10.18
C ALA A 151 16.09 11.16 -8.68
N HIS A 152 17.00 10.64 -7.84
CA HIS A 152 16.96 10.84 -6.38
C HIS A 152 15.65 10.35 -5.76
N VAL A 153 15.16 9.24 -6.30
CA VAL A 153 13.96 8.55 -5.89
C VAL A 153 14.02 8.03 -4.45
N ALA A 154 15.21 7.56 -4.03
CA ALA A 154 15.41 7.07 -2.67
C ALA A 154 15.02 8.11 -1.63
N GLU A 155 15.35 9.38 -1.90
CA GLU A 155 15.00 10.50 -1.05
C GLU A 155 13.47 10.66 -0.85
N GLN A 156 12.70 10.44 -1.92
CA GLN A 156 11.24 10.58 -1.87
C GLN A 156 10.66 9.44 -1.09
N GLN A 157 11.19 8.23 -1.29
CA GLN A 157 10.70 7.06 -0.58
C GLN A 157 11.03 7.11 0.91
N ARG A 158 12.24 7.55 1.25
CA ARG A 158 12.65 7.77 2.68
C ARG A 158 11.69 8.78 3.33
N ALA A 159 11.32 9.83 2.59
CA ALA A 159 10.36 10.83 3.05
C ALA A 159 9.02 10.20 3.42
N TYR A 160 8.51 9.31 2.56
CA TYR A 160 7.27 8.54 2.88
C TYR A 160 7.50 7.65 4.10
N LEU A 161 8.57 6.85 4.10
CA LEU A 161 8.83 5.85 5.14
C LEU A 161 9.03 6.46 6.55
N GLU A 162 9.79 7.55 6.62
CA GLU A 162 10.05 8.25 7.86
C GLU A 162 8.87 9.14 8.29
N GLY A 163 7.98 9.48 7.36
CA GLY A 163 6.88 10.40 7.59
C GLY A 163 5.52 9.74 7.65
N THR A 164 4.82 9.73 6.51
CA THR A 164 3.47 9.16 6.37
C THR A 164 3.32 7.77 6.94
N CYS A 165 4.30 6.89 6.63
CA CYS A 165 4.26 5.52 7.13
C CYS A 165 4.22 5.44 8.66
N VAL A 166 5.14 6.14 9.32
CA VAL A 166 5.16 6.19 10.78
C VAL A 166 3.91 6.87 11.34
N ASP A 167 3.52 8.00 10.74
CA ASP A 167 2.37 8.76 11.18
C ASP A 167 1.13 7.87 11.19
N GLY A 168 0.93 7.15 10.08
CA GLY A 168 -0.21 6.28 9.91
C GLY A 168 -0.22 5.17 10.95
N LEU A 169 0.91 4.48 11.08
CA LEU A 169 1.10 3.38 12.02
C LEU A 169 0.77 3.82 13.45
N ARG A 170 1.30 4.98 13.87
CA ARG A 170 1.08 5.53 15.23
C ARG A 170 -0.42 5.75 15.46
N ARG A 171 -1.14 6.32 14.49
CA ARG A 171 -2.61 6.58 14.57
C ARG A 171 -3.35 5.25 14.71
N TYR A 172 -3.05 4.25 13.85
CA TYR A 172 -3.75 2.94 13.86
C TYR A 172 -3.52 2.26 15.22
N LEU A 173 -2.29 2.34 15.74
CA LEU A 173 -1.97 1.73 17.03
C LEU A 173 -2.84 2.26 18.17
N GLU A 174 -3.03 3.58 18.21
CA GLU A 174 -3.90 4.25 19.19
C GLU A 174 -5.38 3.82 19.02
N ASN A 175 -5.90 4.04 17.81
CA ASN A 175 -7.28 3.68 17.45
C ASN A 175 -7.59 2.20 17.65
N GLY A 176 -6.62 1.33 17.36
CA GLY A 176 -6.78 -0.10 17.48
C GLY A 176 -6.16 -0.72 18.71
N LYS A 177 -5.85 0.12 19.71
CA LYS A 177 -5.05 -0.29 20.86
C LYS A 177 -5.57 -1.51 21.63
N GLU A 178 -6.89 -1.61 21.78
CA GLU A 178 -7.54 -2.72 22.50
C GLU A 178 -7.13 -4.10 21.96
N THR A 179 -6.92 -4.18 20.64
CA THR A 179 -6.52 -5.43 19.99
C THR A 179 -5.09 -5.44 19.47
N LEU A 180 -4.59 -4.28 19.04
CA LEU A 180 -3.23 -4.16 18.50
C LEU A 180 -2.16 -4.12 19.59
N GLN A 181 -2.47 -3.58 20.76
CA GLN A 181 -1.45 -3.41 21.79
C GLN A 181 -1.53 -4.43 22.91
N ARG A 182 -2.43 -5.40 22.78
CA ARG A 182 -2.76 -6.35 23.87
C ARG A 182 -2.38 -7.78 23.41
N THR A 183 -1.37 -8.37 24.06
CA THR A 183 -0.92 -9.75 23.82
C THR A 183 -1.96 -10.75 24.33
N ASP A 184 -2.09 -11.85 23.59
CA ASP A 184 -2.93 -13.00 23.94
C ASP A 184 -2.01 -14.18 24.20
N PRO A 185 -1.88 -14.68 25.45
CA PRO A 185 -0.95 -15.76 25.75
C PRO A 185 -1.47 -17.08 25.18
N PRO A 186 -0.59 -18.02 24.79
CA PRO A 186 -1.04 -19.33 24.34
C PRO A 186 -1.73 -20.10 25.48
N LYS A 187 -2.84 -20.76 25.17
CA LYS A 187 -3.43 -21.78 26.01
C LYS A 187 -2.75 -23.07 25.53
N THR A 188 -2.20 -23.83 26.48
CA THR A 188 -1.36 -24.98 26.17
C THR A 188 -1.91 -26.29 26.75
N HIS A 189 -1.54 -27.40 26.09
CA HIS A 189 -1.79 -28.76 26.57
C HIS A 189 -1.02 -29.80 25.78
N MET A 190 -0.93 -31.02 26.31
CA MET A 190 -0.20 -32.09 25.68
C MET A 190 -1.11 -33.26 25.38
N THR A 191 -0.97 -33.83 24.18
CA THR A 191 -1.69 -35.02 23.80
C THR A 191 -0.70 -36.15 23.55
N HIS A 192 -1.21 -37.38 23.56
CA HIS A 192 -0.45 -38.61 23.55
C HIS A 192 -1.14 -39.58 22.61
N HIS A 193 -0.37 -40.16 21.68
CA HIS A 193 -0.90 -41.10 20.69
C HIS A 193 0.03 -42.29 20.50
N PRO A 194 -0.37 -43.48 21.00
CA PRO A 194 0.37 -44.72 20.71
C PRO A 194 0.52 -44.92 19.21
N ILE A 195 1.70 -45.34 18.76
CA ILE A 195 1.92 -45.69 17.37
C ILE A 195 2.25 -47.19 17.20
N SER A 196 2.58 -47.85 18.32
CA SER A 196 2.80 -49.28 18.39
C SER A 196 2.73 -49.62 19.87
N ASP A 197 2.97 -50.90 20.20
CA ASP A 197 3.07 -51.31 21.59
C ASP A 197 4.24 -50.66 22.33
N HIS A 198 5.20 -50.10 21.59
CA HIS A 198 6.46 -49.62 22.17
C HIS A 198 6.83 -48.20 21.88
N GLU A 199 6.00 -47.48 21.13
CA GLU A 199 6.25 -46.08 20.86
C GLU A 199 4.99 -45.28 20.91
N ALA A 200 5.15 -44.00 21.29
CA ALA A 200 4.07 -43.03 21.32
C ALA A 200 4.56 -41.68 20.82
N THR A 201 3.62 -40.87 20.35
CA THR A 201 3.85 -39.49 19.94
C THR A 201 3.31 -38.63 21.06
N LEU A 202 4.15 -37.72 21.56
CA LEU A 202 3.70 -36.65 22.44
C LEU A 202 3.60 -35.39 21.57
N ARG A 203 2.49 -34.66 21.70
CA ARG A 203 2.19 -33.43 20.93
C ARG A 203 1.92 -32.28 21.91
N CYS A 204 2.72 -31.22 21.81
CA CYS A 204 2.62 -30.05 22.64
C CYS A 204 1.92 -28.93 21.86
N TRP A 205 0.76 -28.51 22.38
CA TRP A 205 -0.11 -27.55 21.73
C TRP A 205 -0.02 -26.14 22.31
N ALA A 206 0.09 -25.14 21.43
CA ALA A 206 -0.13 -23.74 21.79
C ALA A 206 -1.24 -23.20 20.93
N LEU A 207 -2.29 -22.68 21.58
CA LEU A 207 -3.47 -22.20 20.91
C LEU A 207 -3.95 -20.83 21.37
N GLY A 208 -4.60 -20.10 20.47
CA GLY A 208 -5.26 -18.86 20.80
C GLY A 208 -4.31 -17.73 21.18
N PHE A 209 -3.12 -17.72 20.58
CA PHE A 209 -2.13 -16.73 20.91
C PHE A 209 -1.97 -15.64 19.85
N TYR A 210 -1.51 -14.48 20.32
CA TYR A 210 -1.18 -13.27 19.53
C TYR A 210 -0.12 -12.47 20.27
N PRO A 211 0.95 -11.95 19.62
CA PRO A 211 1.19 -12.10 18.19
C PRO A 211 1.69 -13.49 17.79
N ALA A 212 2.05 -13.67 16.51
CA ALA A 212 2.34 -14.98 15.93
C ALA A 212 3.63 -15.60 16.45
N GLU A 213 4.59 -14.74 16.80
CA GLU A 213 5.90 -15.18 17.23
C GLU A 213 5.80 -16.07 18.49
N ILE A 214 6.39 -17.27 18.41
CA ILE A 214 6.35 -18.24 19.52
C ILE A 214 7.47 -19.23 19.34
N THR A 215 7.96 -19.78 20.45
CA THR A 215 8.98 -20.84 20.41
C THR A 215 8.52 -22.03 21.27
N LEU A 216 8.52 -23.21 20.66
CA LEU A 216 8.22 -24.48 21.31
C LEU A 216 9.45 -25.35 21.17
N THR A 217 9.96 -25.86 22.29
CA THR A 217 11.13 -26.75 22.28
C THR A 217 10.89 -27.96 23.18
N TRP A 218 11.49 -29.09 22.80
CA TRP A 218 11.43 -30.34 23.56
C TRP A 218 12.74 -30.52 24.27
N GLN A 219 12.68 -31.02 25.51
CA GLN A 219 13.83 -31.50 26.23
C GLN A 219 13.57 -32.93 26.66
N ARG A 220 14.65 -33.68 26.86
CA ARG A 220 14.64 -35.03 27.48
C ARG A 220 15.65 -35.00 28.63
N ASP A 221 15.21 -35.36 29.84
CA ASP A 221 16.01 -35.27 31.06
C ASP A 221 16.62 -33.88 31.25
N GLY A 222 15.89 -32.85 30.82
CA GLY A 222 16.35 -31.49 30.96
C GLY A 222 17.38 -31.06 29.91
N GLU A 223 17.66 -31.92 28.92
CA GLU A 223 18.60 -31.63 27.84
C GLU A 223 17.82 -31.43 26.54
N ASP A 224 18.20 -30.41 25.76
CA ASP A 224 17.52 -30.09 24.50
C ASP A 224 17.49 -31.32 23.59
N GLN A 225 16.32 -31.55 23.00
CA GLN A 225 16.05 -32.71 22.18
C GLN A 225 15.48 -32.24 20.84
N THR A 226 16.12 -32.65 19.75
CA THR A 226 15.68 -32.32 18.38
C THR A 226 15.47 -33.56 17.51
N GLN A 227 16.28 -34.61 17.74
CA GLN A 227 16.06 -35.93 17.17
C GLN A 227 14.61 -36.40 17.41
N ASP A 228 14.00 -36.98 16.36
CA ASP A 228 12.65 -37.52 16.38
C ASP A 228 11.53 -36.49 16.71
N THR A 229 11.77 -35.22 16.42
CA THR A 229 10.78 -34.16 16.67
C THR A 229 10.23 -33.58 15.39
N GLU A 230 9.01 -33.06 15.48
CA GLU A 230 8.33 -32.44 14.35
C GLU A 230 7.74 -31.13 14.82
N LEU A 231 7.73 -30.16 13.91
CA LEU A 231 7.24 -28.83 14.21
C LEU A 231 6.43 -28.41 13.01
N VAL A 232 5.18 -28.01 13.21
CA VAL A 232 4.41 -27.39 12.12
C VAL A 232 4.58 -25.88 12.14
N GLU A 233 4.40 -25.29 10.95
CA GLU A 233 4.42 -23.85 10.76
C GLU A 233 3.28 -23.22 11.54
N THR A 234 3.57 -22.08 12.17
CA THR A 234 2.58 -21.29 12.86
C THR A 234 1.43 -20.94 11.88
N ARG A 235 0.18 -21.11 12.32
CA ARG A 235 -1.00 -21.06 11.41
C ARG A 235 -2.10 -20.19 11.99
N PRO A 236 -2.87 -19.48 11.13
CA PRO A 236 -3.99 -18.67 11.61
C PRO A 236 -5.20 -19.52 12.04
N ALA A 237 -5.83 -19.17 13.15
CA ALA A 237 -7.05 -19.83 13.59
C ALA A 237 -8.26 -19.31 12.80
N GLY A 238 -8.13 -18.09 12.28
CA GLY A 238 -9.15 -17.40 11.50
C GLY A 238 -9.93 -16.35 12.26
N ASP A 239 -9.68 -16.25 13.57
CA ASP A 239 -10.34 -15.33 14.50
C ASP A 239 -9.37 -14.27 15.05
N GLY A 240 -8.21 -14.12 14.40
CA GLY A 240 -7.22 -13.14 14.79
C GLY A 240 -6.07 -13.69 15.63
N THR A 241 -6.22 -14.92 16.14
CA THR A 241 -5.17 -15.60 16.92
C THR A 241 -4.51 -16.70 16.11
N PHE A 242 -3.42 -17.26 16.66
CA PHE A 242 -2.63 -18.31 16.00
C PHE A 242 -2.51 -19.61 16.79
N GLN A 243 -1.97 -20.63 16.10
CA GLN A 243 -1.83 -21.99 16.60
C GLN A 243 -0.48 -22.52 16.17
N LYS A 244 0.07 -23.43 16.96
CA LYS A 244 1.26 -24.18 16.59
C LYS A 244 1.32 -25.41 17.47
N TRP A 245 1.96 -26.46 16.96
CA TRP A 245 2.32 -27.58 17.78
C TRP A 245 3.66 -28.14 17.42
N ALA A 246 4.22 -28.87 18.38
CA ALA A 246 5.48 -29.60 18.25
C ALA A 246 5.26 -31.03 18.77
N ALA A 247 5.94 -32.01 18.17
CA ALA A 247 5.76 -33.38 18.56
C ALA A 247 7.08 -34.10 18.67
N VAL A 248 7.10 -35.17 19.46
CA VAL A 248 8.27 -36.02 19.57
C VAL A 248 7.78 -37.45 19.73
N VAL A 249 8.46 -38.39 19.06
CA VAL A 249 8.21 -39.82 19.18
C VAL A 249 9.12 -40.32 20.28
N VAL A 250 8.54 -41.09 21.22
CA VAL A 250 9.24 -41.52 22.42
C VAL A 250 8.96 -43.00 22.71
N PRO A 251 9.86 -43.70 23.43
CA PRO A 251 9.57 -45.06 23.87
C PRO A 251 8.43 -45.02 24.88
N SER A 252 7.43 -45.87 24.67
CA SER A 252 6.31 -46.02 25.57
C SER A 252 6.86 -46.44 26.93
N GLY A 253 6.50 -45.70 27.97
CA GLY A 253 7.02 -45.91 29.32
C GLY A 253 8.01 -44.85 29.76
N GLU A 254 8.51 -44.05 28.81
CA GLU A 254 9.52 -43.03 29.09
C GLU A 254 9.01 -41.61 28.88
N GLU A 255 7.68 -41.47 28.77
CA GLU A 255 7.03 -40.17 28.54
C GLU A 255 7.48 -39.07 29.53
N GLN A 256 7.61 -39.44 30.80
CA GLN A 256 7.94 -38.52 31.88
C GLN A 256 9.29 -37.80 31.76
N ARG A 257 10.18 -38.31 30.91
CA ARG A 257 11.55 -37.77 30.68
C ARG A 257 11.47 -36.53 29.78
N TYR A 258 10.37 -36.37 29.04
CA TYR A 258 10.17 -35.35 27.99
C TYR A 258 9.35 -34.18 28.53
N THR A 259 9.82 -32.97 28.27
CA THR A 259 9.17 -31.74 28.67
C THR A 259 9.12 -30.84 27.44
N CYS A 260 8.00 -30.12 27.29
CA CYS A 260 7.85 -29.10 26.26
C CYS A 260 7.95 -27.71 26.88
N HIS A 261 8.70 -26.83 26.22
CA HIS A 261 8.95 -25.48 26.69
C HIS A 261 8.40 -24.44 25.72
N VAL A 262 7.54 -23.55 26.26
CA VAL A 262 6.83 -22.54 25.50
C VAL A 262 7.26 -21.12 25.89
N GLN A 263 7.76 -20.37 24.91
CA GLN A 263 8.13 -18.96 25.08
C GLN A 263 7.27 -18.10 24.19
N HIS A 264 6.64 -17.08 24.79
CA HIS A 264 5.76 -16.13 24.09
C HIS A 264 5.66 -14.85 24.88
N GLU A 265 5.62 -13.73 24.16
CA GLU A 265 5.58 -12.36 24.72
C GLU A 265 4.50 -12.17 25.77
N GLY A 266 3.37 -12.87 25.59
CA GLY A 266 2.24 -12.79 26.48
C GLY A 266 2.37 -13.63 27.73
N LEU A 267 3.49 -14.36 27.86
CA LEU A 267 3.80 -15.13 29.05
C LEU A 267 4.77 -14.34 29.93
N PRO A 268 4.43 -14.07 31.21
CA PRO A 268 5.38 -13.44 32.12
C PRO A 268 6.62 -14.31 32.37
N LYS A 269 6.50 -15.63 32.13
CA LYS A 269 7.57 -16.59 32.36
C LYS A 269 7.36 -17.77 31.41
N PRO A 270 8.44 -18.39 30.85
CA PRO A 270 8.28 -19.53 29.96
C PRO A 270 7.54 -20.67 30.67
N LEU A 271 6.82 -21.47 29.90
CA LEU A 271 6.08 -22.61 30.40
C LEU A 271 6.88 -23.89 30.14
N THR A 272 6.82 -24.82 31.10
CA THR A 272 7.31 -26.18 30.95
C THR A 272 6.08 -27.10 31.09
N LEU A 273 5.83 -27.92 30.06
CA LEU A 273 4.72 -28.86 30.09
C LEU A 273 5.23 -30.29 30.08
N ARG A 274 4.47 -31.15 30.76
CA ARG A 274 4.64 -32.63 30.71
C ARG A 274 3.27 -33.27 30.47
N TRP A 275 3.26 -34.46 29.85
CA TRP A 275 2.06 -35.25 29.70
C TRP A 275 1.53 -35.67 31.08
N GLU A 276 0.24 -35.43 31.31
CA GLU A 276 -0.38 -35.73 32.59
C GLU A 276 -1.76 -36.34 32.38
N PRO A 277 -1.85 -37.68 32.09
CA PRO A 277 -3.13 -38.32 31.84
C PRO A 277 -4.04 -38.37 33.08
N ILE B 2 10.86 -18.46 -10.36
CA ILE B 2 10.94 -19.63 -9.42
C ILE B 2 9.55 -20.23 -9.12
N GLN B 3 9.51 -21.55 -8.92
CA GLN B 3 8.28 -22.27 -8.61
C GLN B 3 8.44 -23.04 -7.33
N ARG B 4 7.59 -22.70 -6.36
CA ARG B 4 7.61 -23.31 -5.01
C ARG B 4 6.27 -24.02 -4.78
N THR B 5 6.34 -25.24 -4.26
CA THR B 5 5.18 -26.08 -4.01
C THR B 5 4.56 -25.73 -2.66
N PRO B 6 3.22 -25.73 -2.53
CA PRO B 6 2.58 -25.35 -1.27
C PRO B 6 2.75 -26.37 -0.13
N LYS B 7 2.94 -25.87 1.08
CA LYS B 7 2.71 -26.63 2.30
C LYS B 7 1.24 -26.51 2.57
N ILE B 8 0.68 -27.49 3.29
CA ILE B 8 -0.75 -27.60 3.49
C ILE B 8 -1.01 -28.16 4.88
N GLN B 9 -1.92 -27.50 5.61
CA GLN B 9 -2.42 -27.99 6.90
C GLN B 9 -3.93 -27.86 6.90
N VAL B 10 -4.60 -28.87 7.47
CA VAL B 10 -6.05 -28.93 7.63
C VAL B 10 -6.30 -29.11 9.11
N TYR B 11 -7.19 -28.30 9.67
CA TYR B 11 -7.37 -28.15 11.14
C TYR B 11 -8.63 -27.36 11.44
N SER B 12 -9.19 -27.57 12.62
CA SER B 12 -10.29 -26.78 13.12
C SER B 12 -9.75 -25.57 13.85
N ARG B 13 -10.58 -24.52 13.88
CA ARG B 13 -10.31 -23.26 14.64
C ARG B 13 -10.27 -23.61 16.12
N HIS B 14 -11.28 -24.36 16.59
CA HIS B 14 -11.39 -24.81 17.97
C HIS B 14 -11.23 -26.33 18.08
N PRO B 15 -10.88 -26.86 19.28
CA PRO B 15 -10.78 -28.31 19.46
C PRO B 15 -12.13 -28.95 19.06
N ALA B 16 -12.08 -29.98 18.21
CA ALA B 16 -13.28 -30.62 17.73
C ALA B 16 -14.09 -31.14 18.93
N GLU B 17 -15.40 -30.93 18.89
CA GLU B 17 -16.35 -31.66 19.73
C GLU B 17 -17.56 -32.03 18.88
N ASN B 18 -17.84 -33.34 18.83
CA ASN B 18 -18.90 -33.88 18.00
C ASN B 18 -20.20 -33.21 18.35
N GLY B 19 -20.87 -32.65 17.34
CA GLY B 19 -22.14 -31.98 17.50
C GLY B 19 -22.05 -30.48 17.73
N LYS B 20 -20.85 -29.96 18.04
CA LYS B 20 -20.61 -28.53 18.31
C LYS B 20 -20.03 -27.87 17.07
N SER B 21 -20.68 -26.78 16.61
CA SER B 21 -20.26 -26.10 15.39
C SER B 21 -18.89 -25.45 15.59
N ASN B 22 -18.17 -25.30 14.48
CA ASN B 22 -16.74 -25.02 14.48
C ASN B 22 -16.41 -24.43 13.12
N PHE B 23 -15.12 -24.21 12.85
CA PHE B 23 -14.64 -23.84 11.52
C PHE B 23 -13.55 -24.83 11.10
N LEU B 24 -13.63 -25.29 9.85
CA LEU B 24 -12.61 -26.14 9.26
C LEU B 24 -11.75 -25.24 8.38
N ASN B 25 -10.43 -25.26 8.61
CA ASN B 25 -9.46 -24.43 7.91
C ASN B 25 -8.54 -25.29 7.04
N CYS B 26 -8.21 -24.77 5.85
CA CYS B 26 -7.09 -25.26 5.05
C CYS B 26 -6.17 -24.09 4.77
N TYR B 27 -4.96 -24.18 5.34
CA TYR B 27 -3.90 -23.16 5.22
C TYR B 27 -2.88 -23.61 4.18
N VAL B 28 -2.72 -22.84 3.11
CA VAL B 28 -1.76 -23.14 2.07
C VAL B 28 -0.75 -22.02 2.03
N SER B 29 0.54 -22.38 2.02
CA SER B 29 1.62 -21.44 2.18
C SER B 29 2.87 -21.91 1.46
N GLY B 30 3.82 -20.98 1.29
CA GLY B 30 5.11 -21.25 0.68
C GLY B 30 5.07 -21.48 -0.83
N PHE B 31 3.98 -21.05 -1.51
CA PHE B 31 3.84 -21.33 -2.93
C PHE B 31 4.11 -20.15 -3.86
N HIS B 32 4.43 -20.48 -5.11
CA HIS B 32 4.66 -19.49 -6.13
C HIS B 32 4.59 -20.22 -7.46
N PRO B 33 3.90 -19.70 -8.51
CA PRO B 33 3.18 -18.41 -8.44
C PRO B 33 1.82 -18.50 -7.73
N SER B 34 0.99 -17.45 -7.82
CA SER B 34 -0.20 -17.32 -6.94
C SER B 34 -1.43 -18.11 -7.36
N ASP B 35 -1.57 -18.45 -8.64
CA ASP B 35 -2.67 -19.31 -9.15
C ASP B 35 -2.68 -20.65 -8.39
N ILE B 36 -3.73 -20.87 -7.61
CA ILE B 36 -3.87 -22.10 -6.86
C ILE B 36 -5.34 -22.44 -6.70
N GLU B 37 -5.63 -23.74 -6.61
CA GLU B 37 -6.97 -24.26 -6.53
C GLU B 37 -7.11 -25.08 -5.26
N VAL B 38 -8.04 -24.66 -4.39
CA VAL B 38 -8.21 -25.27 -3.08
C VAL B 38 -9.66 -25.59 -2.82
N ASP B 39 -9.93 -26.85 -2.46
CA ASP B 39 -11.27 -27.30 -2.15
C ASP B 39 -11.24 -28.00 -0.80
N LEU B 40 -12.31 -27.81 -0.02
CA LEU B 40 -12.56 -28.60 1.18
C LEU B 40 -13.56 -29.67 0.84
N LEU B 41 -13.33 -30.88 1.35
CA LEU B 41 -14.16 -32.03 1.05
C LEU B 41 -14.82 -32.56 2.31
N LYS B 42 -16.08 -32.99 2.17
CA LYS B 42 -16.81 -33.74 3.17
C LYS B 42 -17.10 -35.11 2.56
N ASN B 43 -16.54 -36.17 3.18
CA ASN B 43 -16.65 -37.53 2.69
C ASN B 43 -16.33 -37.67 1.19
N GLY B 44 -15.28 -36.95 0.75
CA GLY B 44 -14.80 -37.01 -0.62
C GLY B 44 -15.51 -36.16 -1.67
N GLU B 45 -16.52 -35.38 -1.25
CA GLU B 45 -17.24 -34.45 -2.13
C GLU B 45 -17.00 -32.97 -1.76
N ARG B 46 -16.90 -32.12 -2.80
CA ARG B 46 -16.56 -30.69 -2.69
C ARG B 46 -17.62 -29.94 -1.86
N ILE B 47 -17.20 -29.22 -0.83
CA ILE B 47 -18.05 -28.24 -0.13
C ILE B 47 -18.03 -26.95 -0.95
N GLU B 48 -19.19 -26.30 -1.08
CA GLU B 48 -19.41 -25.17 -2.02
C GLU B 48 -19.15 -23.78 -1.45
N LYS B 49 -19.64 -23.52 -0.23
CA LYS B 49 -19.56 -22.17 0.36
C LYS B 49 -18.30 -22.01 1.20
N VAL B 50 -17.15 -22.03 0.51
CA VAL B 50 -15.84 -21.95 1.14
C VAL B 50 -15.18 -20.62 0.79
N GLU B 51 -14.90 -19.81 1.82
CA GLU B 51 -14.26 -18.52 1.63
C GLU B 51 -12.79 -18.64 1.91
N HIS B 52 -12.03 -17.63 1.45
CA HIS B 52 -10.60 -17.56 1.67
C HIS B 52 -10.20 -16.13 1.99
N SER B 53 -9.03 -15.98 2.63
CA SER B 53 -8.47 -14.71 3.02
C SER B 53 -7.93 -13.99 1.77
N ASP B 54 -7.54 -12.72 1.91
CA ASP B 54 -6.99 -11.93 0.80
C ASP B 54 -5.56 -12.34 0.51
N LEU B 55 -5.17 -12.40 -0.77
CA LEU B 55 -3.85 -12.90 -1.12
C LEU B 55 -2.75 -12.05 -0.46
N SER B 56 -1.80 -12.72 0.19
CA SER B 56 -0.67 -12.09 0.83
C SER B 56 0.54 -12.99 0.63
N PHE B 57 1.72 -12.50 1.06
CA PHE B 57 2.98 -13.21 0.93
C PHE B 57 3.98 -12.90 2.04
N SER B 58 4.96 -13.80 2.21
CA SER B 58 5.95 -13.78 3.29
C SER B 58 7.20 -13.07 2.83
N LYS B 59 8.19 -12.96 3.71
CA LYS B 59 9.41 -12.20 3.42
C LYS B 59 10.15 -12.73 2.19
N ASP B 60 10.09 -14.04 1.97
CA ASP B 60 10.68 -14.67 0.79
C ASP B 60 9.83 -14.60 -0.51
N TRP B 61 8.77 -13.78 -0.51
CA TRP B 61 7.86 -13.58 -1.65
C TRP B 61 6.84 -14.71 -1.91
N SER B 62 6.96 -15.83 -1.18
CA SER B 62 6.04 -16.95 -1.34
C SER B 62 4.68 -16.59 -0.73
N PHE B 63 3.60 -17.07 -1.35
CA PHE B 63 2.23 -16.66 -1.01
C PHE B 63 1.64 -17.57 0.03
N TYR B 64 0.56 -17.11 0.69
CA TYR B 64 -0.24 -17.93 1.63
C TYR B 64 -1.72 -17.48 1.62
N LEU B 65 -2.62 -18.46 1.77
CA LEU B 65 -4.06 -18.24 1.84
C LEU B 65 -4.65 -19.15 2.90
N LEU B 66 -5.71 -18.68 3.56
CA LEU B 66 -6.51 -19.47 4.47
C LEU B 66 -7.84 -19.67 3.80
N TYR B 67 -8.20 -20.94 3.53
CA TYR B 67 -9.56 -21.38 3.13
C TYR B 67 -10.29 -21.90 4.36
N TYR B 68 -11.57 -21.55 4.52
CA TYR B 68 -12.33 -21.88 5.75
C TYR B 68 -13.83 -21.99 5.45
N THR B 69 -14.51 -22.77 6.30
CA THR B 69 -15.94 -22.91 6.25
C THR B 69 -16.43 -23.39 7.61
N GLU B 70 -17.58 -22.88 8.00
CA GLU B 70 -18.24 -23.32 9.20
C GLU B 70 -18.62 -24.79 8.99
N PHE B 71 -18.49 -25.61 10.03
CA PHE B 71 -18.92 -27.00 9.99
C PHE B 71 -19.18 -27.50 11.39
N THR B 72 -19.79 -28.69 11.46
CA THR B 72 -20.06 -29.36 12.73
C THR B 72 -19.51 -30.77 12.63
N PRO B 73 -18.35 -31.06 13.25
CA PRO B 73 -17.78 -32.41 13.22
C PRO B 73 -18.69 -33.45 13.88
N THR B 74 -18.59 -34.68 13.39
CA THR B 74 -19.25 -35.83 13.99
C THR B 74 -18.15 -36.86 14.21
N GLU B 75 -18.53 -38.03 14.73
CA GLU B 75 -17.62 -39.13 14.88
C GLU B 75 -17.23 -39.72 13.52
N LYS B 76 -18.19 -39.73 12.60
CA LYS B 76 -18.11 -40.52 11.37
CA LYS B 76 -18.09 -40.52 11.38
C LYS B 76 -17.69 -39.75 10.12
N ASP B 77 -18.09 -38.47 10.05
CA ASP B 77 -17.79 -37.65 8.87
C ASP B 77 -16.30 -37.44 8.71
N GLU B 78 -15.78 -37.72 7.52
CA GLU B 78 -14.39 -37.46 7.20
C GLU B 78 -14.30 -36.15 6.40
N TYR B 79 -13.28 -35.34 6.70
CA TYR B 79 -13.02 -34.05 5.99
C TYR B 79 -11.60 -34.06 5.44
N ALA B 80 -11.37 -33.32 4.35
CA ALA B 80 -10.05 -33.18 3.75
C ALA B 80 -9.92 -31.90 2.92
N CYS B 81 -8.68 -31.58 2.53
CA CYS B 81 -8.37 -30.43 1.70
C CYS B 81 -7.65 -30.96 0.45
N ARG B 82 -8.14 -30.54 -0.71
CA ARG B 82 -7.57 -30.95 -2.02
C ARG B 82 -6.96 -29.72 -2.68
N VAL B 83 -5.72 -29.84 -3.15
CA VAL B 83 -5.01 -28.71 -3.70
C VAL B 83 -4.41 -29.05 -5.04
N ASN B 84 -4.50 -28.09 -5.96
CA ASN B 84 -3.80 -28.17 -7.23
C ASN B 84 -3.05 -26.87 -7.55
N HIS B 85 -1.88 -27.03 -8.19
CA HIS B 85 -0.92 -25.97 -8.45
C HIS B 85 0.02 -26.47 -9.54
N VAL B 86 0.63 -25.54 -10.26
CA VAL B 86 1.52 -25.85 -11.38
C VAL B 86 2.67 -26.78 -10.98
N THR B 87 3.14 -26.66 -9.72
CA THR B 87 4.18 -27.54 -9.16
C THR B 87 3.77 -29.01 -8.89
N LEU B 88 2.47 -29.31 -8.93
CA LEU B 88 1.95 -30.64 -8.68
C LEU B 88 1.39 -31.25 -9.96
N SER B 89 1.64 -32.54 -10.17
CA SER B 89 1.12 -33.28 -11.32
C SER B 89 -0.16 -34.05 -11.02
N GLN B 90 -0.57 -34.06 -9.75
CA GLN B 90 -1.83 -34.65 -9.33
C GLN B 90 -2.35 -33.80 -8.19
N PRO B 91 -3.68 -33.76 -7.94
CA PRO B 91 -4.20 -33.01 -6.79
C PRO B 91 -3.66 -33.62 -5.49
N LYS B 92 -3.08 -32.80 -4.63
CA LYS B 92 -2.63 -33.25 -3.33
C LYS B 92 -3.79 -33.15 -2.36
N ILE B 93 -4.08 -34.26 -1.67
CA ILE B 93 -5.17 -34.31 -0.71
C ILE B 93 -4.62 -34.58 0.69
N VAL B 94 -5.06 -33.78 1.66
CA VAL B 94 -4.69 -33.95 3.06
C VAL B 94 -5.93 -34.11 3.92
N LYS B 95 -6.01 -35.24 4.64
CA LYS B 95 -7.14 -35.55 5.51
C LYS B 95 -7.08 -34.73 6.80
N TRP B 96 -8.26 -34.34 7.29
CA TRP B 96 -8.35 -33.71 8.60
C TRP B 96 -8.22 -34.77 9.69
N ASP B 97 -7.23 -34.57 10.56
CA ASP B 97 -7.07 -35.28 11.80
C ASP B 97 -7.32 -34.25 12.89
N ARG B 98 -8.22 -34.57 13.83
CA ARG B 98 -8.69 -33.61 14.86
C ARG B 98 -7.59 -33.29 15.88
N ASP B 99 -6.51 -34.09 15.86
N ASP B 99 -6.55 -34.13 16.04
CA ASP B 99 -5.34 -33.89 16.70
CA ASP B 99 -5.45 -33.74 16.94
C ASP B 99 -4.10 -33.34 15.95
C ASP B 99 -4.15 -33.47 16.18
N MET B 100 -4.28 -32.79 14.74
N MET B 100 -4.28 -32.68 15.10
CA MET B 100 -3.17 -32.18 13.99
CA MET B 100 -3.15 -32.18 14.33
C MET B 100 -3.63 -30.86 13.40
C MET B 100 -3.44 -30.79 13.77
N GLN C 1 -1.57 4.02 6.11
CA GLN C 1 -1.63 5.00 4.99
C GLN C 1 -0.71 4.59 3.86
N TYR C 2 -1.31 4.40 2.67
CA TYR C 2 -0.68 3.86 1.45
C TYR C 2 0.33 4.85 0.89
N ASN C 3 1.33 4.32 0.18
CA ASN C 3 2.26 5.11 -0.56
C ASN C 3 1.78 5.21 -2.01
N PRO C 4 1.43 6.41 -2.52
CA PRO C 4 0.98 6.56 -3.91
C PRO C 4 2.16 6.41 -4.89
N ILE C 5 2.59 5.16 -5.13
CA ILE C 5 3.75 4.88 -5.98
C ILE C 5 3.55 5.41 -7.40
N ARG C 6 4.48 6.26 -7.85
CA ARG C 6 4.44 6.92 -9.19
C ARG C 6 5.59 6.44 -10.10
N THR C 7 6.67 5.92 -9.52
CA THR C 7 7.94 5.74 -10.21
C THR C 7 7.99 4.47 -11.08
N THR C 8 8.38 4.63 -12.35
CA THR C 8 8.45 3.51 -13.26
C THR C 8 9.89 2.98 -13.36
N PHE C 9 10.00 1.75 -13.89
CA PHE C 9 11.26 1.00 -13.99
C PHE C 9 12.16 1.55 -15.07
N VAL D 113 9.35 19.87 -19.59
CA VAL D 113 8.83 18.52 -19.20
C VAL D 113 7.45 18.28 -19.82
N LEU D 114 6.55 19.25 -19.62
CA LEU D 114 5.23 19.25 -20.21
C LEU D 114 5.13 20.48 -21.12
N THR D 115 5.12 20.20 -22.43
CA THR D 115 5.19 21.20 -23.49
C THR D 115 3.79 21.53 -24.01
N GLN D 116 3.45 22.83 -24.01
CA GLN D 116 2.21 23.31 -24.60
C GLN D 116 2.49 24.43 -25.60
N PRO D 117 1.69 24.57 -26.67
CA PRO D 117 1.83 25.72 -27.56
C PRO D 117 1.65 27.03 -26.80
N PRO D 118 2.46 28.08 -27.09
CA PRO D 118 2.33 29.37 -26.40
C PRO D 118 0.90 29.94 -26.42
N SER D 119 0.21 29.86 -27.56
CA SER D 119 -1.11 30.49 -27.70
C SER D 119 -2.04 29.85 -28.74
N VAL D 120 -3.35 30.09 -28.56
CA VAL D 120 -4.38 29.65 -29.48
C VAL D 120 -5.34 30.82 -29.59
N SER D 121 -5.60 31.25 -30.83
CA SER D 121 -6.54 32.32 -31.11
C SER D 121 -7.75 31.71 -31.79
N VAL D 122 -8.95 32.09 -31.35
CA VAL D 122 -10.19 31.67 -31.98
C VAL D 122 -11.23 32.79 -31.98
N SER D 123 -12.25 32.63 -32.82
CA SER D 123 -13.43 33.47 -32.87
C SER D 123 -14.57 32.85 -32.05
N PRO D 124 -15.52 33.65 -31.53
CA PRO D 124 -16.63 33.11 -30.74
C PRO D 124 -17.33 31.98 -31.51
N GLY D 125 -17.56 30.84 -30.87
CA GLY D 125 -18.31 29.75 -31.46
C GLY D 125 -17.50 28.61 -32.05
N GLN D 126 -16.21 28.86 -32.33
CA GLN D 126 -15.36 27.82 -32.89
C GLN D 126 -14.61 27.03 -31.81
N THR D 127 -14.08 25.88 -32.20
CA THR D 127 -13.45 24.94 -31.31
C THR D 127 -12.01 25.31 -31.06
N ALA D 128 -11.58 25.20 -29.80
CA ALA D 128 -10.21 25.49 -29.41
C ALA D 128 -9.58 24.21 -28.90
N SER D 129 -8.43 23.85 -29.47
CA SER D 129 -7.70 22.66 -29.10
C SER D 129 -6.36 23.05 -28.47
N ILE D 130 -6.17 22.61 -27.22
CA ILE D 130 -4.94 22.82 -26.47
C ILE D 130 -4.30 21.47 -26.17
N THR D 131 -3.05 21.29 -26.62
CA THR D 131 -2.29 20.07 -26.42
C THR D 131 -1.18 20.20 -25.36
N CYS D 132 -0.76 19.05 -24.84
CA CYS D 132 0.38 18.95 -23.93
C CYS D 132 1.04 17.61 -24.14
N SER D 133 2.37 17.61 -24.32
CA SER D 133 3.14 16.38 -24.56
C SER D 133 4.20 16.12 -23.49
N GLY D 134 4.33 14.84 -23.10
CA GLY D 134 5.34 14.35 -22.17
C GLY D 134 5.23 12.86 -21.87
N ASP D 135 6.40 12.23 -21.68
CA ASP D 135 6.48 10.77 -21.48
C ASP D 135 5.55 10.24 -20.39
N SER D 136 5.47 10.95 -19.25
CA SER D 136 4.68 10.51 -18.09
C SER D 136 3.17 10.31 -18.34
N LEU D 137 2.64 11.04 -19.34
CA LEU D 137 1.22 10.98 -19.71
C LEU D 137 0.76 9.57 -20.14
N GLY D 138 1.72 8.78 -20.65
CA GLY D 138 1.54 7.38 -20.93
C GLY D 138 1.02 6.56 -19.76
N ASN D 139 1.53 6.85 -18.55
CA ASN D 139 1.16 6.06 -17.39
C ASN D 139 0.61 6.90 -16.25
N LYS D 140 0.14 8.10 -16.59
CA LYS D 140 -0.45 9.04 -15.64
C LYS D 140 -1.63 9.78 -16.26
N TYR D 141 -2.57 10.17 -15.41
CA TYR D 141 -3.74 11.03 -15.76
C TYR D 141 -3.27 12.46 -16.01
N ALA D 142 -3.93 13.17 -16.94
CA ALA D 142 -3.73 14.59 -17.17
C ALA D 142 -4.83 15.35 -16.46
N CYS D 143 -4.45 16.46 -15.81
CA CYS D 143 -5.39 17.45 -15.36
C CYS D 143 -5.22 18.70 -16.19
N TRP D 144 -6.28 19.52 -16.25
CA TRP D 144 -6.22 20.84 -16.83
C TRP D 144 -6.85 21.84 -15.87
N TYR D 145 -6.20 23.01 -15.79
CA TYR D 145 -6.60 24.17 -14.93
C TYR D 145 -6.76 25.39 -15.83
N GLN D 146 -7.85 26.13 -15.63
CA GLN D 146 -8.10 27.39 -16.31
C GLN D 146 -7.76 28.51 -15.32
N GLN D 147 -7.16 29.58 -15.84
CA GLN D 147 -6.81 30.74 -15.04
C GLN D 147 -7.08 32.00 -15.82
N LYS D 148 -8.07 32.76 -15.37
CA LYS D 148 -8.38 34.08 -15.93
C LYS D 148 -7.59 35.13 -15.14
N PRO D 149 -7.18 36.25 -15.76
CA PRO D 149 -6.37 37.24 -15.05
C PRO D 149 -7.19 37.88 -13.91
N GLY D 150 -6.56 38.02 -12.73
CA GLY D 150 -7.22 38.56 -11.55
C GLY D 150 -7.87 37.50 -10.67
N GLN D 151 -7.81 36.24 -11.10
CA GLN D 151 -8.50 35.13 -10.44
C GLN D 151 -7.54 33.96 -10.33
N SER D 152 -7.84 33.06 -9.40
CA SER D 152 -7.00 31.91 -9.14
C SER D 152 -7.32 30.75 -10.09
N PRO D 153 -6.42 29.75 -10.22
CA PRO D 153 -6.66 28.60 -11.07
C PRO D 153 -7.92 27.81 -10.67
N VAL D 154 -8.53 27.14 -11.65
CA VAL D 154 -9.68 26.28 -11.43
C VAL D 154 -9.49 24.98 -12.21
N LEU D 155 -9.76 23.85 -11.54
CA LEU D 155 -9.73 22.54 -12.15
C LEU D 155 -10.89 22.43 -13.14
N VAL D 156 -10.56 22.11 -14.40
CA VAL D 156 -11.57 21.90 -15.43
C VAL D 156 -11.66 20.47 -15.92
N ILE D 157 -10.55 19.72 -15.81
CA ILE D 157 -10.50 18.32 -16.23
C ILE D 157 -9.57 17.54 -15.31
N TYR D 158 -9.99 16.34 -14.90
CA TYR D 158 -9.15 15.37 -14.15
C TYR D 158 -9.29 13.98 -14.79
N GLN D 159 -8.36 13.09 -14.45
CA GLN D 159 -8.34 11.71 -14.93
C GLN D 159 -8.56 11.68 -16.44
N ASP D 160 -7.82 12.54 -17.15
CA ASP D 160 -7.85 12.72 -18.62
C ASP D 160 -9.10 13.35 -19.22
N SER D 161 -10.29 12.90 -18.78
CA SER D 161 -11.52 13.23 -19.48
C SER D 161 -12.71 13.55 -18.58
N LYS D 162 -12.49 13.64 -17.26
CA LYS D 162 -13.59 13.89 -16.34
C LYS D 162 -13.63 15.34 -15.92
N ARG D 163 -14.84 15.90 -15.92
CA ARG D 163 -15.12 17.29 -15.50
C ARG D 163 -15.57 17.29 -14.05
N PRO D 164 -15.03 18.19 -13.20
CA PRO D 164 -15.63 18.46 -11.90
C PRO D 164 -17.06 19.00 -12.04
N SER D 165 -17.86 18.77 -11.01
CA SER D 165 -19.14 19.37 -10.81
C SER D 165 -19.08 20.86 -11.09
N GLY D 166 -19.99 21.35 -11.94
CA GLY D 166 -20.09 22.75 -12.27
C GLY D 166 -19.31 23.26 -13.48
N ILE D 167 -18.38 22.45 -14.00
CA ILE D 167 -17.65 22.78 -15.21
C ILE D 167 -18.49 22.48 -16.44
N PRO D 168 -18.63 23.41 -17.42
CA PRO D 168 -19.48 23.19 -18.58
C PRO D 168 -19.02 22.01 -19.47
N GLU D 169 -19.95 21.37 -20.16
CA GLU D 169 -19.71 20.19 -21.02
C GLU D 169 -18.80 20.47 -22.22
N ARG D 170 -18.74 21.74 -22.65
CA ARG D 170 -17.96 22.15 -23.84
C ARG D 170 -16.45 21.98 -23.58
N PHE D 171 -16.04 21.78 -22.32
CA PHE D 171 -14.66 21.40 -21.99
C PHE D 171 -14.58 19.89 -21.96
N SER D 172 -13.73 19.31 -22.82
CA SER D 172 -13.48 17.88 -22.83
C SER D 172 -11.99 17.60 -22.95
N GLY D 173 -11.60 16.36 -22.64
CA GLY D 173 -10.21 15.99 -22.62
C GLY D 173 -10.03 14.57 -23.05
N SER D 174 -8.87 14.30 -23.64
CA SER D 174 -8.39 12.94 -23.90
C SER D 174 -6.89 12.92 -23.64
N ASN D 175 -6.35 11.71 -23.45
CA ASN D 175 -4.92 11.51 -23.22
C ASN D 175 -4.49 10.18 -23.82
N SER D 176 -3.95 10.23 -25.05
CA SER D 176 -3.48 9.05 -25.74
C SER D 176 -2.07 9.22 -26.30
N GLY D 177 -1.35 8.11 -26.43
CA GLY D 177 0.07 8.13 -26.71
C GLY D 177 0.71 8.84 -25.54
N ASN D 178 1.55 9.84 -25.82
CA ASN D 178 2.09 10.69 -24.77
C ASN D 178 1.57 12.14 -24.83
N THR D 179 0.40 12.33 -25.46
CA THR D 179 -0.22 13.65 -25.59
C THR D 179 -1.61 13.69 -24.95
N ALA D 180 -1.87 14.79 -24.20
CA ALA D 180 -3.18 15.13 -23.65
C ALA D 180 -3.73 16.33 -24.41
N THR D 181 -5.05 16.35 -24.61
CA THR D 181 -5.70 17.40 -25.36
C THR D 181 -6.89 17.92 -24.61
N LEU D 182 -6.93 19.23 -24.38
CA LEU D 182 -8.14 19.91 -23.88
C LEU D 182 -8.82 20.54 -25.07
N THR D 183 -10.09 20.20 -25.27
CA THR D 183 -10.89 20.80 -26.32
C THR D 183 -11.99 21.65 -25.69
N ILE D 184 -12.14 22.87 -26.21
CA ILE D 184 -13.28 23.73 -25.90
C ILE D 184 -14.07 23.87 -27.18
N SER D 185 -15.29 23.35 -27.19
CA SER D 185 -16.14 23.44 -28.38
C SER D 185 -17.06 24.64 -28.17
N GLY D 186 -17.43 25.30 -29.26
CA GLY D 186 -18.28 26.49 -29.22
C GLY D 186 -17.75 27.51 -28.22
N THR D 187 -16.46 27.85 -28.37
CA THR D 187 -15.71 28.66 -27.41
C THR D 187 -16.35 30.03 -27.28
N GLN D 188 -16.53 30.49 -26.04
CA GLN D 188 -17.18 31.76 -25.76
C GLN D 188 -16.20 32.76 -25.20
N ALA D 189 -16.52 34.05 -25.31
CA ALA D 189 -15.67 35.14 -24.84
C ALA D 189 -15.18 34.92 -23.40
N MET D 190 -16.05 34.37 -22.55
CA MET D 190 -15.74 34.13 -21.15
C MET D 190 -14.70 33.02 -20.94
N ASP D 191 -14.35 32.29 -22.00
CA ASP D 191 -13.38 31.21 -21.96
C ASP D 191 -11.95 31.69 -22.21
N GLU D 192 -11.78 32.99 -22.50
CA GLU D 192 -10.46 33.62 -22.66
C GLU D 192 -9.71 33.52 -21.31
N ALA D 193 -8.57 32.82 -21.34
CA ALA D 193 -7.80 32.45 -20.16
C ALA D 193 -6.50 31.74 -20.57
N ASP D 194 -5.68 31.46 -19.55
CA ASP D 194 -4.49 30.60 -19.66
C ASP D 194 -4.89 29.22 -19.16
N TYR D 195 -4.48 28.19 -19.90
CA TYR D 195 -4.80 26.77 -19.61
C TYR D 195 -3.49 26.01 -19.36
N TYR D 196 -3.43 25.29 -18.24
CA TYR D 196 -2.23 24.51 -17.83
C TYR D 196 -2.61 23.04 -17.67
N CYS D 197 -1.85 22.17 -18.33
CA CYS D 197 -1.93 20.75 -18.11
C CYS D 197 -1.12 20.45 -16.85
N GLN D 198 -1.38 19.29 -16.25
CA GLN D 198 -0.72 18.88 -15.02
C GLN D 198 -0.77 17.37 -14.90
N ALA D 199 0.38 16.78 -14.56
CA ALA D 199 0.50 15.36 -14.26
C ALA D 199 1.61 15.16 -13.22
N TRP D 200 2.14 13.93 -13.11
CA TRP D 200 3.25 13.58 -12.20
C TRP D 200 4.42 13.13 -13.04
N ASP D 201 5.62 13.40 -12.54
CA ASP D 201 6.83 13.00 -13.22
C ASP D 201 7.19 11.58 -12.76
N SER D 202 6.93 10.61 -13.65
CA SER D 202 7.03 9.19 -13.32
C SER D 202 8.49 8.74 -13.16
N SER D 203 9.44 9.60 -13.58
CA SER D 203 10.88 9.40 -13.31
C SER D 203 11.27 9.68 -11.86
N ARG D 204 10.35 10.24 -11.07
CA ARG D 204 10.60 10.78 -9.71
C ARG D 204 9.65 10.15 -8.67
N GLY D 205 10.03 10.20 -7.39
CA GLY D 205 9.19 9.71 -6.32
C GLY D 205 7.91 10.50 -6.13
N TYR D 206 8.04 11.82 -5.90
CA TYR D 206 6.92 12.75 -5.58
C TYR D 206 7.19 14.12 -6.23
N THR D 207 6.81 14.27 -7.50
CA THR D 207 7.05 15.51 -8.23
C THR D 207 5.89 15.84 -9.16
N VAL D 208 5.08 16.82 -8.75
CA VAL D 208 4.03 17.41 -9.56
C VAL D 208 4.70 18.26 -10.63
N VAL D 209 4.14 18.22 -11.84
CA VAL D 209 4.60 19.02 -12.97
C VAL D 209 3.42 19.65 -13.71
N PHE D 210 3.52 20.97 -13.93
CA PHE D 210 2.57 21.74 -14.72
C PHE D 210 3.18 22.00 -16.07
N GLY D 211 2.37 21.90 -17.11
CA GLY D 211 2.74 22.31 -18.44
C GLY D 211 3.03 23.78 -18.52
N THR D 212 3.62 24.16 -19.64
CA THR D 212 4.12 25.50 -19.88
C THR D 212 3.01 26.53 -19.99
N GLY D 213 1.78 26.07 -20.22
CA GLY D 213 0.62 26.95 -20.30
C GLY D 213 0.34 27.42 -21.71
N THR D 214 -0.94 27.65 -22.00
CA THR D 214 -1.40 28.20 -23.26
C THR D 214 -2.38 29.34 -23.02
N LYS D 215 -2.07 30.51 -23.60
CA LYS D 215 -2.99 31.64 -23.62
C LYS D 215 -3.98 31.47 -24.77
N VAL D 216 -5.26 31.33 -24.40
CA VAL D 216 -6.38 31.28 -25.35
C VAL D 216 -7.12 32.62 -25.39
N THR D 217 -7.05 33.29 -26.55
CA THR D 217 -7.72 34.57 -26.77
C THR D 217 -8.91 34.34 -27.69
N VAL D 218 -10.02 35.03 -27.37
CA VAL D 218 -11.27 34.92 -28.11
C VAL D 218 -11.59 36.28 -28.70
N SER D 219 -11.51 36.39 -30.02
CA SER D 219 -11.60 37.68 -30.68
C SER D 219 -12.48 37.66 -31.91
N SER D 220 -13.36 38.67 -31.99
CA SER D 220 -14.10 39.05 -33.20
C SER D 220 -13.60 40.41 -33.67
N GLU D 241 -18.60 26.40 0.81
CA GLU D 241 -18.14 26.37 2.20
C GLU D 241 -16.66 26.01 2.33
N VAL D 242 -16.16 25.24 1.35
CA VAL D 242 -14.73 24.93 1.19
C VAL D 242 -13.95 26.22 0.90
N GLN D 243 -12.83 26.43 1.61
CA GLN D 243 -12.13 27.69 1.53
C GLN D 243 -10.67 27.59 1.95
N LEU D 244 -9.79 28.17 1.11
CA LEU D 244 -8.39 28.40 1.42
C LEU D 244 -8.07 29.88 1.33
N LEU D 245 -7.56 30.43 2.43
CA LEU D 245 -7.28 31.86 2.54
C LEU D 245 -5.83 32.06 2.96
N GLU D 246 -4.99 32.43 1.97
CA GLU D 246 -3.57 32.69 2.19
C GLU D 246 -3.33 34.09 2.74
N SER D 247 -2.22 34.26 3.46
CA SER D 247 -1.72 35.55 3.92
C SER D 247 -0.20 35.52 4.17
N GLY D 248 0.38 36.70 4.37
CA GLY D 248 1.78 36.85 4.70
C GLY D 248 2.60 37.49 3.61
N GLY D 249 2.04 37.53 2.38
CA GLY D 249 2.72 38.09 1.23
C GLY D 249 2.99 39.58 1.44
N GLY D 250 4.03 40.07 0.78
CA GLY D 250 4.39 41.48 0.80
C GLY D 250 5.76 41.73 0.23
N LEU D 251 6.20 43.00 0.33
CA LEU D 251 7.52 43.42 -0.10
C LEU D 251 8.54 42.89 0.87
N VAL D 252 9.64 42.34 0.34
CA VAL D 252 10.76 41.87 1.14
C VAL D 252 12.08 42.17 0.42
N GLN D 253 13.13 42.49 1.19
CA GLN D 253 14.44 42.77 0.61
C GLN D 253 15.11 41.51 0.08
N PRO D 254 16.00 41.62 -0.94
CA PRO D 254 16.72 40.47 -1.45
C PRO D 254 17.48 39.81 -0.29
N GLY D 255 17.54 38.48 -0.29
CA GLY D 255 18.09 37.69 0.79
C GLY D 255 17.31 37.70 2.09
N GLY D 256 16.10 38.27 2.06
CA GLY D 256 15.21 38.35 3.22
C GLY D 256 14.40 37.09 3.47
N SER D 257 13.70 37.09 4.62
CA SER D 257 12.83 35.99 5.05
C SER D 257 11.39 36.50 5.20
N LEU D 258 10.45 35.58 5.00
CA LEU D 258 9.01 35.82 5.11
C LEU D 258 8.38 34.48 5.51
N ARG D 259 7.25 34.54 6.24
CA ARG D 259 6.42 33.34 6.50
C ARG D 259 5.00 33.55 5.95
N LEU D 260 4.55 32.62 5.09
CA LEU D 260 3.21 32.58 4.57
C LEU D 260 2.37 31.60 5.38
N SER D 261 1.05 31.86 5.43
CA SER D 261 0.07 31.02 6.07
C SER D 261 -1.09 30.82 5.15
N CYS D 262 -1.88 29.78 5.43
CA CYS D 262 -3.16 29.56 4.78
C CYS D 262 -4.06 28.86 5.75
N ALA D 263 -5.22 29.49 6.00
CA ALA D 263 -6.28 28.92 6.83
C ALA D 263 -7.28 28.18 5.93
N ALA D 264 -7.62 26.96 6.31
CA ALA D 264 -8.52 26.06 5.57
C ALA D 264 -9.85 25.95 6.27
N SER D 265 -10.92 25.83 5.48
CA SER D 265 -12.28 25.68 5.98
C SER D 265 -13.12 24.74 5.14
N GLY D 266 -14.01 23.98 5.80
CA GLY D 266 -15.06 23.25 5.13
C GLY D 266 -14.72 21.88 4.61
N PHE D 267 -13.62 21.30 5.10
CA PHE D 267 -13.24 19.94 4.76
C PHE D 267 -12.27 19.45 5.82
N THR D 268 -12.06 18.14 5.90
CA THR D 268 -11.24 17.56 6.95
C THR D 268 -9.77 17.77 6.61
N PHE D 269 -9.20 18.84 7.18
CA PHE D 269 -7.90 19.35 6.76
C PHE D 269 -6.80 18.29 6.80
N ASP D 270 -6.71 17.56 7.91
CA ASP D 270 -5.62 16.61 8.09
C ASP D 270 -5.78 15.29 7.30
N SER D 271 -6.87 15.15 6.54
CA SER D 271 -7.03 14.05 5.59
C SER D 271 -6.36 14.27 4.21
N TYR D 272 -5.78 15.46 3.98
CA TYR D 272 -5.28 15.84 2.62
C TYR D 272 -3.87 16.39 2.68
N ALA D 273 -3.08 16.00 1.67
CA ALA D 273 -1.81 16.60 1.36
C ALA D 273 -2.03 17.98 0.78
N MET D 274 -1.31 18.97 1.31
CA MET D 274 -1.46 20.36 0.89
C MET D 274 -0.21 20.80 0.19
N SER D 275 -0.39 21.66 -0.82
CA SER D 275 0.71 22.22 -1.57
C SER D 275 0.71 23.75 -1.64
N TRP D 276 1.91 24.29 -1.84
CA TRP D 276 2.14 25.64 -2.33
C TRP D 276 2.57 25.54 -3.81
N VAL D 277 1.91 26.33 -4.66
CA VAL D 277 2.15 26.44 -6.11
C VAL D 277 2.26 27.93 -6.39
N ARG D 278 3.33 28.35 -7.07
CA ARG D 278 3.59 29.80 -7.30
C ARG D 278 3.52 30.13 -8.80
N GLN D 279 3.35 31.42 -9.09
CA GLN D 279 3.32 31.95 -10.42
C GLN D 279 4.03 33.30 -10.38
N ALA D 280 5.20 33.37 -11.02
CA ALA D 280 5.90 34.63 -11.24
C ALA D 280 5.07 35.49 -12.20
N PRO D 281 5.19 36.84 -12.13
CA PRO D 281 4.41 37.72 -13.00
C PRO D 281 4.56 37.32 -14.49
N GLY D 282 3.43 37.11 -15.16
CA GLY D 282 3.37 36.76 -16.58
C GLY D 282 3.94 35.41 -16.97
N LYS D 283 4.10 34.51 -16.01
CA LYS D 283 4.69 33.18 -16.23
C LYS D 283 3.74 32.10 -15.78
N GLY D 284 4.18 30.84 -15.87
CA GLY D 284 3.37 29.67 -15.60
C GLY D 284 3.32 29.27 -14.13
N LEU D 285 2.49 28.25 -13.85
CA LEU D 285 2.39 27.66 -12.53
C LEU D 285 3.59 26.75 -12.32
N GLU D 286 4.19 26.83 -11.14
CA GLU D 286 5.31 25.98 -10.72
C GLU D 286 5.00 25.47 -9.33
N TRP D 287 4.89 24.15 -9.20
CA TRP D 287 4.72 23.52 -7.91
C TRP D 287 6.02 23.70 -7.06
N VAL D 288 5.84 24.17 -5.83
CA VAL D 288 6.93 24.56 -4.93
C VAL D 288 7.22 23.50 -3.85
N SER D 289 6.16 23.05 -3.17
CA SER D 289 6.27 22.21 -2.00
C SER D 289 4.96 21.51 -1.64
N ALA D 290 5.07 20.40 -0.91
CA ALA D 290 3.92 19.63 -0.46
C ALA D 290 4.17 19.02 0.89
N ILE D 291 3.08 18.81 1.62
CA ILE D 291 3.11 18.21 2.95
C ILE D 291 1.97 17.22 3.11
N SER D 292 2.31 16.05 3.68
CA SER D 292 1.38 14.97 3.98
C SER D 292 0.34 15.38 5.04
N GLY D 293 -0.71 14.56 5.18
CA GLY D 293 -1.88 14.85 5.99
C GLY D 293 -1.52 15.24 7.41
N TYR D 294 -0.67 14.43 8.06
CA TYR D 294 -0.26 14.60 9.48
C TYR D 294 1.14 15.20 9.56
N GLY D 295 1.69 15.67 8.43
CA GLY D 295 2.88 16.50 8.44
C GLY D 295 4.24 15.85 8.44
N GLY D 296 4.28 14.52 8.53
CA GLY D 296 5.53 13.77 8.65
C GLY D 296 6.35 13.72 7.38
N SER D 297 5.69 13.79 6.23
CA SER D 297 6.41 13.76 4.95
C SER D 297 6.26 15.11 4.30
N THR D 298 7.40 15.69 3.94
CA THR D 298 7.45 16.93 3.20
C THR D 298 8.29 16.73 1.92
N TYR D 299 7.90 17.47 0.88
CA TYR D 299 8.45 17.39 -0.51
C TYR D 299 8.69 18.80 -1.06
N TYR D 300 9.79 19.02 -1.79
CA TYR D 300 10.19 20.34 -2.32
C TYR D 300 10.63 20.23 -3.80
N ALA D 301 10.48 21.33 -4.54
CA ALA D 301 11.05 21.45 -5.88
C ALA D 301 12.51 21.71 -5.67
N ASP D 302 13.33 21.28 -6.64
CA ASP D 302 14.76 21.50 -6.58
C ASP D 302 15.05 23.00 -6.41
N SER D 303 14.22 23.83 -7.03
CA SER D 303 14.39 25.29 -7.00
C SER D 303 14.35 25.94 -5.59
N VAL D 304 13.66 25.29 -4.63
CA VAL D 304 13.47 25.87 -3.28
C VAL D 304 14.09 25.09 -2.12
N LYS D 305 14.56 23.88 -2.42
CA LYS D 305 15.13 22.96 -1.45
C LYS D 305 16.28 23.65 -0.71
N GLY D 306 16.31 23.46 0.62
CA GLY D 306 17.29 24.06 1.51
C GLY D 306 16.94 25.44 2.02
N ARG D 307 15.98 26.12 1.37
CA ARG D 307 15.64 27.54 1.61
C ARG D 307 14.22 27.68 2.18
N PHE D 308 13.29 26.83 1.75
CA PHE D 308 11.88 26.92 2.16
C PHE D 308 11.57 25.75 3.09
N THR D 309 10.60 25.94 4.00
CA THR D 309 10.14 24.87 4.90
C THR D 309 8.62 24.89 5.04
N ILE D 310 7.98 23.82 4.63
CA ILE D 310 6.53 23.67 4.74
C ILE D 310 6.20 22.96 6.04
N SER D 311 5.08 23.34 6.66
CA SER D 311 4.64 22.73 7.91
C SER D 311 3.15 23.03 8.08
N ARG D 312 2.51 22.39 9.07
CA ARG D 312 1.05 22.57 9.31
C ARG D 312 0.71 22.39 10.80
N ASP D 313 -0.27 23.15 11.27
CA ASP D 313 -0.83 23.04 12.61
C ASP D 313 -2.25 22.59 12.32
N ASN D 314 -2.50 21.29 12.44
CA ASN D 314 -3.78 20.72 12.08
C ASN D 314 -4.89 21.16 13.04
N SER D 315 -4.55 21.41 14.30
CA SER D 315 -5.49 21.97 15.25
C SER D 315 -5.97 23.36 14.90
N LYS D 316 -5.14 24.11 14.17
CA LYS D 316 -5.49 25.45 13.69
C LYS D 316 -5.96 25.46 12.22
N ASN D 317 -6.09 24.28 11.61
CA ASN D 317 -6.45 24.12 10.21
C ASN D 317 -5.63 25.11 9.38
N THR D 318 -4.33 25.14 9.65
CA THR D 318 -3.44 26.08 9.03
C THR D 318 -2.18 25.43 8.51
N LEU D 319 -1.78 25.90 7.32
CA LEU D 319 -0.60 25.51 6.58
C LEU D 319 0.32 26.73 6.59
N TYR D 320 1.64 26.49 6.67
CA TYR D 320 2.69 27.55 6.68
C TYR D 320 3.73 27.27 5.58
N LEU D 321 4.42 28.34 5.14
CA LEU D 321 5.64 28.22 4.35
C LEU D 321 6.66 29.26 4.81
N GLN D 322 7.76 28.77 5.40
CA GLN D 322 8.87 29.60 5.82
C GLN D 322 9.80 29.75 4.66
N MET D 323 10.04 30.99 4.22
CA MET D 323 10.86 31.25 3.04
C MET D 323 12.09 32.05 3.42
N ASN D 324 13.29 31.49 3.23
CA ASN D 324 14.55 32.17 3.51
C ASN D 324 15.37 32.42 2.26
N SER D 325 16.34 33.34 2.38
CA SER D 325 17.27 33.70 1.32
C SER D 325 16.55 33.98 0.02
N LEU D 326 15.50 34.82 0.08
CA LEU D 326 14.66 35.08 -1.07
C LEU D 326 15.45 35.80 -2.19
N ARG D 327 15.18 35.41 -3.44
CA ARG D 327 15.80 36.01 -4.66
C ARG D 327 14.70 36.58 -5.57
N ALA D 328 15.11 37.30 -6.62
CA ALA D 328 14.22 37.87 -7.62
C ALA D 328 13.31 36.79 -8.17
N GLU D 329 13.88 35.60 -8.43
CA GLU D 329 13.15 34.48 -9.00
C GLU D 329 12.07 33.95 -8.09
N ASP D 330 12.08 34.33 -6.81
CA ASP D 330 11.01 33.96 -5.88
C ASP D 330 9.77 34.90 -5.91
N THR D 331 9.87 36.01 -6.64
CA THR D 331 8.75 36.95 -6.80
C THR D 331 7.64 36.25 -7.57
N ALA D 332 6.46 36.16 -6.95
CA ALA D 332 5.38 35.36 -7.50
C ALA D 332 4.20 35.46 -6.58
N VAL D 333 3.03 35.07 -7.09
CA VAL D 333 1.87 34.85 -6.24
C VAL D 333 2.01 33.42 -5.78
N TYR D 334 1.85 33.20 -4.48
CA TYR D 334 1.90 31.86 -3.85
C TYR D 334 0.48 31.41 -3.52
N TYR D 335 0.01 30.36 -4.21
CA TYR D 335 -1.31 29.73 -4.00
C TYR D 335 -1.18 28.54 -3.07
N CYS D 336 -2.11 28.43 -2.13
CA CYS D 336 -2.32 27.21 -1.39
C CYS D 336 -3.27 26.36 -2.25
N ALA D 337 -2.93 25.07 -2.43
CA ALA D 337 -3.77 24.16 -3.22
C ALA D 337 -3.92 22.86 -2.47
N LYS D 338 -5.15 22.38 -2.39
CA LYS D 338 -5.46 21.09 -1.78
C LYS D 338 -5.48 20.00 -2.86
N TYR D 339 -4.70 18.93 -2.63
CA TYR D 339 -4.60 17.76 -3.55
C TYR D 339 -5.57 16.67 -3.07
N THR D 340 -6.19 15.94 -3.99
CA THR D 340 -6.95 14.77 -3.64
C THR D 340 -6.48 13.66 -4.55
N TYR D 341 -6.04 12.55 -3.95
CA TYR D 341 -5.60 11.33 -4.66
C TYR D 341 -6.81 10.62 -5.29
N PHE D 342 -8.00 10.77 -4.68
CA PHE D 342 -9.24 10.22 -5.24
C PHE D 342 -9.47 10.68 -6.70
N LEU D 343 -9.29 11.97 -6.98
CA LEU D 343 -9.38 12.51 -8.34
C LEU D 343 -8.02 12.62 -9.02
N ASP D 344 -6.97 12.66 -8.21
CA ASP D 344 -5.58 12.84 -8.64
C ASP D 344 -5.46 14.21 -9.28
N ALA D 345 -5.91 15.23 -8.51
CA ALA D 345 -5.91 16.63 -8.93
C ALA D 345 -5.91 17.58 -7.73
N PHE D 346 -5.51 18.83 -7.97
CA PHE D 346 -5.77 19.93 -7.05
C PHE D 346 -7.18 20.49 -7.30
N ASP D 347 -8.12 20.09 -6.45
CA ASP D 347 -9.51 20.44 -6.66
C ASP D 347 -9.89 21.78 -6.03
N ILE D 348 -9.15 22.22 -5.00
CA ILE D 348 -9.40 23.50 -4.33
C ILE D 348 -8.15 24.38 -4.33
N TRP D 349 -8.32 25.65 -4.70
CA TRP D 349 -7.26 26.65 -4.73
C TRP D 349 -7.71 27.87 -3.96
N GLY D 350 -6.76 28.50 -3.24
CA GLY D 350 -7.01 29.77 -2.58
C GLY D 350 -6.92 30.92 -3.58
N GLN D 351 -6.75 32.13 -3.05
CA GLN D 351 -6.74 33.37 -3.83
C GLN D 351 -5.30 33.86 -4.05
N GLY D 352 -4.36 33.18 -3.41
CA GLY D 352 -2.94 33.50 -3.44
C GLY D 352 -2.53 34.59 -2.49
N THR D 353 -1.23 34.67 -2.23
CA THR D 353 -0.62 35.80 -1.54
C THR D 353 0.64 36.21 -2.31
N MET D 354 0.74 37.50 -2.63
CA MET D 354 1.79 38.07 -3.49
C MET D 354 3.07 38.37 -2.70
N VAL D 355 4.18 37.77 -3.14
CA VAL D 355 5.49 38.03 -2.61
C VAL D 355 6.34 38.78 -3.66
N THR D 356 6.87 39.94 -3.29
CA THR D 356 7.72 40.74 -4.19
C THR D 356 9.05 40.95 -3.51
N VAL D 357 10.11 40.46 -4.16
CA VAL D 357 11.48 40.63 -3.67
C VAL D 357 12.09 41.78 -4.45
N SER D 358 12.37 42.91 -3.78
CA SER D 358 12.77 44.13 -4.47
C SER D 358 13.73 45.01 -3.67
N SER D 359 14.31 45.97 -4.40
CA SER D 359 15.25 47.00 -3.90
C SER D 359 16.60 46.39 -3.55
C1 GOL E . -16.02 3.12 2.23
O1 GOL E . -16.56 3.32 0.92
C2 GOL E . -15.27 1.83 2.36
O2 GOL E . -15.97 0.92 3.20
C3 GOL E . -14.98 1.15 1.04
O3 GOL E . -14.14 1.94 0.21
C1 GOL F . -7.76 -28.69 15.58
O1 GOL F . -7.34 -29.27 14.34
C2 GOL F . -6.78 -27.65 16.10
O2 GOL F . -6.19 -27.00 14.99
C3 GOL F . -7.41 -26.61 17.01
O3 GOL F . -7.70 -27.11 18.32
N NO3 G . 9.13 -17.02 4.77
O1 NO3 G . 9.26 -17.02 5.99
O2 NO3 G . 9.56 -16.09 4.10
O3 NO3 G . 8.57 -17.97 4.22
N NO3 H . -14.89 28.07 -15.84
O1 NO3 H . -14.58 27.48 -14.81
O2 NO3 H . -14.75 29.28 -15.94
O3 NO3 H . -15.36 27.43 -16.79
#